data_4UXI
#
_entry.id   4UXI
#
_cell.length_a   121.149
_cell.length_b   121.149
_cell.length_c   116.220
_cell.angle_alpha   90.00
_cell.angle_beta   90.00
_cell.angle_gamma   120.00
#
_symmetry.space_group_name_H-M   'P 65 2 2'
#
loop_
_entity.id
_entity.type
_entity.pdbx_description
1 polymer 'THYMIDINE KINASE'
2 non-polymer 'PHOSPHATE ION'
3 non-polymer THYMIDINE
4 non-polymer 'ZINC ION'
5 water water
#
_entity_poly.entity_id   1
_entity_poly.type   'polypeptide(L)'
_entity_poly.pdbx_seq_one_letter_code
;GPFRGRIELIIGPMFAGKTTELMRRVKREIHARRSCFVIKYSKDTRYDEHNVASHDQLMLRAQAAVSQLTEVRDTWKRFD
VLAIDEGQFFSDLVDFCNTAADAGKVVMVSALDGDYRRKPFGQICELVPYCEAVDKLTAVCMMCHEQPACFTRRTVNVEQ
QELIGGADMYIATCRECYSKQQLP
;
_entity_poly.pdbx_strand_id   A,B
#
loop_
_chem_comp.id
_chem_comp.type
_chem_comp.name
_chem_comp.formula
PO4 non-polymer 'PHOSPHATE ION' 'O4 P -3'
THM DNA OH 5 prime terminus THYMIDINE 'C10 H14 N2 O5'
ZN non-polymer 'ZINC ION' 'Zn 2'
#
# COMPACT_ATOMS: atom_id res chain seq x y z
N PHE A 3 -5.95 -10.41 22.19
CA PHE A 3 -7.29 -9.75 22.20
C PHE A 3 -7.18 -8.31 21.69
N ARG A 4 -7.09 -8.17 20.37
CA ARG A 4 -6.67 -6.91 19.77
C ARG A 4 -7.39 -6.45 18.50
N GLY A 5 -7.21 -5.16 18.21
CA GLY A 5 -7.84 -4.51 17.07
C GLY A 5 -6.80 -4.27 16.01
N ARG A 6 -7.26 -3.86 14.82
CA ARG A 6 -6.35 -3.69 13.68
C ARG A 6 -7.00 -2.99 12.50
N ILE A 7 -6.18 -2.61 11.53
CA ILE A 7 -6.65 -2.02 10.29
C ILE A 7 -6.14 -2.86 9.15
N GLU A 8 -7.06 -3.20 8.25
CA GLU A 8 -6.76 -3.96 7.03
C GLU A 8 -7.21 -3.17 5.81
N LEU A 9 -6.33 -3.07 4.81
CA LEU A 9 -6.62 -2.28 3.61
C LEU A 9 -6.62 -3.16 2.39
N ILE A 10 -7.64 -2.97 1.56
CA ILE A 10 -7.80 -3.70 0.30
C ILE A 10 -7.82 -2.69 -0.83
N ILE A 11 -6.82 -2.76 -1.70
CA ILE A 11 -6.64 -1.78 -2.77
C ILE A 11 -6.42 -2.44 -4.12
N GLY A 12 -6.43 -1.61 -5.17
CA GLY A 12 -6.34 -2.07 -6.54
C GLY A 12 -7.22 -1.20 -7.41
N PRO A 13 -7.24 -1.46 -8.73
CA PRO A 13 -8.11 -0.73 -9.64
C PRO A 13 -9.55 -1.21 -9.54
N MET A 14 -10.43 -0.66 -10.37
CA MET A 14 -11.84 -1.05 -10.41
C MET A 14 -11.95 -2.41 -11.07
N PHE A 15 -13.01 -3.14 -10.72
CA PHE A 15 -13.25 -4.50 -11.24
C PHE A 15 -12.17 -5.52 -10.85
N ALA A 16 -11.50 -5.25 -9.72
CA ALA A 16 -10.57 -6.21 -9.11
C ALA A 16 -11.29 -7.05 -8.07
N GLY A 17 -12.55 -6.72 -7.79
CA GLY A 17 -13.36 -7.44 -6.82
C GLY A 17 -13.06 -7.04 -5.39
N LYS A 18 -12.63 -5.80 -5.20
CA LYS A 18 -12.28 -5.29 -3.88
C LYS A 18 -13.48 -5.37 -2.94
N THR A 19 -14.63 -4.94 -3.40
CA THR A 19 -15.82 -4.93 -2.57
C THR A 19 -16.28 -6.36 -2.31
N THR A 20 -16.22 -7.22 -3.32
CA THR A 20 -16.49 -8.63 -3.13
C THR A 20 -15.58 -9.18 -2.04
N GLU A 21 -14.30 -8.83 -2.10
CA GLU A 21 -13.32 -9.30 -1.12
C GLU A 21 -13.64 -8.77 0.27
N LEU A 22 -13.92 -7.47 0.39
CA LEU A 22 -14.30 -6.91 1.68
C LEU A 22 -15.48 -7.70 2.25
N MET A 23 -16.51 -7.92 1.43
CA MET A 23 -17.69 -8.66 1.87
C MET A 23 -17.41 -10.12 2.18
N ARG A 24 -16.43 -10.71 1.49
CA ARG A 24 -15.99 -12.04 1.84
C ARG A 24 -15.55 -12.03 3.30
N ARG A 25 -14.71 -11.06 3.65
CA ARG A 25 -14.15 -10.96 4.99
C ARG A 25 -15.26 -10.72 6.01
N VAL A 26 -16.28 -9.98 5.62
CA VAL A 26 -17.44 -9.73 6.48
C VAL A 26 -18.23 -11.02 6.69
N LYS A 27 -18.74 -11.62 5.61
CA LYS A 27 -19.49 -12.88 5.67
C LYS A 27 -18.77 -13.89 6.57
N ARG A 28 -17.46 -13.91 6.45
CA ARG A 28 -16.57 -14.71 7.29
C ARG A 28 -16.76 -14.45 8.78
N GLU A 29 -16.79 -13.18 9.18
CA GLU A 29 -17.00 -12.78 10.57
C GLU A 29 -18.42 -13.06 11.02
N ILE A 30 -19.40 -12.76 10.16
CA ILE A 30 -20.83 -12.96 10.45
C ILE A 30 -21.09 -14.42 10.82
N HIS A 31 -20.45 -15.32 10.08
CA HIS A 31 -20.60 -16.76 10.26
C HIS A 31 -20.15 -17.19 11.66
N ALA A 32 -19.12 -16.53 12.19
CA ALA A 32 -18.61 -16.81 13.54
C ALA A 32 -19.29 -15.96 14.63
N ARG A 33 -20.46 -15.40 14.31
CA ARG A 33 -21.24 -14.60 15.25
C ARG A 33 -20.53 -13.32 15.73
N ARG A 34 -19.63 -12.81 14.90
CA ARG A 34 -18.98 -11.52 15.18
C ARG A 34 -19.75 -10.42 14.41
N SER A 35 -20.01 -9.30 15.09
CA SER A 35 -20.88 -8.24 14.56
C SER A 35 -20.12 -7.27 13.67
N CYS A 36 -20.59 -7.12 12.43
CA CYS A 36 -19.93 -6.24 11.45
C CYS A 36 -20.80 -5.02 11.09
N PHE A 37 -20.15 -3.87 10.97
CA PHE A 37 -20.83 -2.61 10.63
C PHE A 37 -20.26 -2.07 9.32
N VAL A 38 -21.07 -2.15 8.27
CA VAL A 38 -20.64 -1.80 6.92
C VAL A 38 -20.97 -0.35 6.61
N ILE A 39 -19.95 0.45 6.33
CA ILE A 39 -20.15 1.86 6.03
C ILE A 39 -19.86 2.11 4.54
N LYS A 40 -20.94 2.27 3.75
CA LYS A 40 -20.83 2.59 2.33
C LYS A 40 -20.80 4.12 2.16
N TYR A 41 -20.31 4.58 1.00
CA TYR A 41 -20.23 6.02 0.72
C TYR A 41 -21.54 6.55 0.11
N SER A 42 -21.80 7.83 0.35
CA SER A 42 -22.88 8.62 -0.28
C SER A 42 -23.77 9.23 0.79
N MET A 59 -28.86 -8.70 14.69
CA MET A 59 -27.92 -8.43 15.78
C MET A 59 -26.49 -8.22 15.28
N LEU A 60 -26.19 -8.71 14.08
CA LEU A 60 -24.82 -8.96 13.63
C LEU A 60 -24.32 -8.18 12.39
N ARG A 61 -25.24 -7.69 11.55
CA ARG A 61 -24.86 -6.98 10.33
C ARG A 61 -25.65 -5.66 10.21
N ALA A 62 -24.93 -4.57 9.92
CA ALA A 62 -25.55 -3.24 9.76
C ALA A 62 -24.88 -2.44 8.64
N GLN A 63 -25.69 -1.80 7.80
CA GLN A 63 -25.19 -1.11 6.60
C GLN A 63 -25.64 0.35 6.57
N ALA A 64 -24.75 1.24 7.03
CA ALA A 64 -25.01 2.69 6.99
C ALA A 64 -24.37 3.33 5.75
N ALA A 65 -24.93 4.47 5.32
CA ALA A 65 -24.48 5.16 4.11
C ALA A 65 -24.25 6.63 4.39
N VAL A 66 -23.03 7.10 4.19
CA VAL A 66 -22.53 8.33 4.76
C VAL A 66 -21.59 9.07 3.79
N SER A 67 -21.50 10.40 3.89
CA SER A 67 -20.53 11.20 3.11
C SER A 67 -19.27 11.56 3.92
N GLN A 68 -19.39 11.63 5.24
CA GLN A 68 -18.25 11.77 6.16
C GLN A 68 -18.40 10.79 7.30
N LEU A 69 -17.33 10.08 7.64
CA LEU A 69 -17.43 8.99 8.63
C LEU A 69 -17.93 9.41 10.00
N THR A 70 -17.56 10.61 10.44
CA THR A 70 -17.99 11.02 11.76
C THR A 70 -19.50 11.35 11.84
N GLU A 71 -20.25 11.23 10.73
CA GLU A 71 -21.73 11.13 10.78
C GLU A 71 -22.24 9.88 11.54
N VAL A 72 -21.32 9.06 12.02
CA VAL A 72 -21.62 7.80 12.71
C VAL A 72 -21.56 7.99 14.24
N ARG A 73 -20.86 9.03 14.69
CA ARG A 73 -20.57 9.24 16.10
C ARG A 73 -20.02 7.93 16.71
N ASP A 74 -20.69 7.41 17.73
CA ASP A 74 -20.18 6.30 18.54
C ASP A 74 -20.76 4.93 18.15
N THR A 75 -21.61 4.88 17.12
CA THR A 75 -22.32 3.65 16.72
C THR A 75 -21.37 2.47 16.55
N TRP A 76 -20.25 2.74 15.88
CA TRP A 76 -19.19 1.75 15.66
C TRP A 76 -18.72 1.02 16.92
N LYS A 77 -18.79 1.69 18.06
CA LYS A 77 -18.42 1.08 19.35
C LYS A 77 -19.26 -0.16 19.68
N ARG A 78 -20.49 -0.19 19.20
CA ARG A 78 -21.43 -1.29 19.48
C ARG A 78 -21.24 -2.51 18.56
N PHE A 79 -20.15 -2.56 17.81
CA PHE A 79 -19.85 -3.68 16.92
C PHE A 79 -18.42 -4.18 17.08
N ASP A 80 -18.15 -5.38 16.56
CA ASP A 80 -16.81 -5.98 16.62
C ASP A 80 -15.96 -5.54 15.45
N VAL A 81 -16.56 -5.53 14.26
CA VAL A 81 -15.83 -5.27 13.02
C VAL A 81 -16.46 -4.08 12.29
N LEU A 82 -15.61 -3.27 11.66
CA LEU A 82 -16.07 -2.14 10.85
C LEU A 82 -15.54 -2.31 9.43
N ALA A 83 -16.46 -2.34 8.47
CA ALA A 83 -16.12 -2.49 7.08
C ALA A 83 -16.41 -1.19 6.35
N ILE A 84 -15.38 -0.59 5.77
CA ILE A 84 -15.53 0.68 5.05
C ILE A 84 -15.24 0.47 3.58
N ASP A 85 -16.27 0.64 2.75
CA ASP A 85 -16.16 0.49 1.30
C ASP A 85 -15.97 1.87 0.69
N GLU A 86 -15.23 1.95 -0.41
CA GLU A 86 -14.91 3.22 -1.06
C GLU A 86 -14.17 4.16 -0.12
N GLY A 87 -13.31 3.61 0.74
CA GLY A 87 -12.61 4.36 1.79
C GLY A 87 -11.99 5.68 1.34
N GLN A 88 -11.63 5.72 0.06
CA GLN A 88 -11.07 6.91 -0.57
C GLN A 88 -11.89 8.19 -0.46
N PHE A 89 -13.21 8.11 -0.47
CA PHE A 89 -14.05 9.32 -0.47
C PHE A 89 -14.21 9.98 0.91
N PHE A 90 -13.66 9.38 1.98
CA PHE A 90 -13.81 9.89 3.35
C PHE A 90 -12.56 10.66 3.84
N SER A 91 -12.73 11.93 4.20
CA SER A 91 -11.60 12.80 4.57
C SER A 91 -10.99 12.49 5.93
N ASP A 92 -11.79 11.90 6.83
CA ASP A 92 -11.34 11.60 8.19
C ASP A 92 -11.04 10.11 8.38
N LEU A 93 -10.66 9.45 7.29
CA LEU A 93 -10.50 8.01 7.26
C LEU A 93 -9.45 7.52 8.26
N VAL A 94 -8.36 8.26 8.38
CA VAL A 94 -7.21 7.82 9.16
C VAL A 94 -7.53 7.81 10.66
N ASP A 95 -8.03 8.94 11.17
CA ASP A 95 -8.31 9.08 12.61
C ASP A 95 -9.47 8.20 13.05
N PHE A 96 -10.48 8.11 12.19
CA PHE A 96 -11.62 7.26 12.49
C PHE A 96 -11.17 5.81 12.63
N CYS A 97 -10.42 5.33 11.64
CA CYS A 97 -9.88 3.97 11.66
C CYS A 97 -8.98 3.73 12.87
N ASN A 98 -8.02 4.63 13.08
CA ASN A 98 -7.11 4.49 14.21
C ASN A 98 -7.82 4.48 15.56
N THR A 99 -8.84 5.31 15.70
CA THR A 99 -9.62 5.34 16.93
C THR A 99 -10.29 3.98 17.12
N ALA A 100 -10.94 3.49 16.07
CA ALA A 100 -11.57 2.17 16.10
C ALA A 100 -10.55 1.06 16.37
N ALA A 101 -9.41 1.09 15.68
CA ALA A 101 -8.37 0.07 15.87
C ALA A 101 -7.88 0.03 17.33
N ASP A 102 -7.63 1.21 17.89
CA ASP A 102 -7.13 1.35 19.25
C ASP A 102 -8.17 1.01 20.31
N ALA A 103 -9.45 1.05 19.93
CA ALA A 103 -10.53 0.56 20.79
C ALA A 103 -10.71 -0.97 20.71
N GLY A 104 -9.86 -1.64 19.93
CA GLY A 104 -9.91 -3.10 19.79
C GLY A 104 -10.85 -3.60 18.71
N LYS A 105 -11.15 -2.75 17.72
CA LYS A 105 -11.98 -3.14 16.59
C LYS A 105 -11.12 -3.67 15.44
N VAL A 106 -11.69 -4.55 14.64
CA VAL A 106 -11.10 -4.97 13.38
C VAL A 106 -11.67 -4.04 12.31
N VAL A 107 -10.84 -3.15 11.80
CA VAL A 107 -11.24 -2.19 10.78
C VAL A 107 -10.80 -2.71 9.43
N MET A 108 -11.71 -2.76 8.47
CA MET A 108 -11.42 -3.24 7.12
C MET A 108 -11.84 -2.19 6.11
N VAL A 109 -10.90 -1.75 5.27
CA VAL A 109 -11.16 -0.71 4.27
C VAL A 109 -10.94 -1.26 2.86
N SER A 110 -11.91 -1.07 1.97
CA SER A 110 -11.71 -1.32 0.55
C SER A 110 -11.72 0.01 -0.19
N ALA A 111 -10.74 0.22 -1.05
CA ALA A 111 -10.58 1.51 -1.67
C ALA A 111 -9.61 1.50 -2.84
N LEU A 112 -9.81 2.45 -3.75
CA LEU A 112 -8.88 2.71 -4.83
C LEU A 112 -7.66 3.40 -4.26
N ASP A 113 -6.49 2.84 -4.53
CA ASP A 113 -5.23 3.49 -4.18
C ASP A 113 -4.95 4.70 -5.07
N GLY A 114 -5.31 4.61 -6.36
CA GLY A 114 -5.14 5.71 -7.32
C GLY A 114 -6.42 6.12 -8.05
N ASP A 115 -6.44 7.36 -8.56
CA ASP A 115 -7.55 7.82 -9.43
C ASP A 115 -7.34 7.39 -10.87
N TYR A 116 -8.21 7.85 -11.77
CA TYR A 116 -8.05 7.61 -13.20
C TYR A 116 -6.72 8.17 -13.76
N ARG A 117 -6.08 9.09 -13.03
CA ARG A 117 -4.76 9.63 -13.37
C ARG A 117 -3.59 8.96 -12.66
N ARG A 118 -3.88 7.96 -11.83
CA ARG A 118 -2.90 7.32 -10.94
C ARG A 118 -2.31 8.27 -9.89
N LYS A 119 -3.06 9.30 -9.54
CA LYS A 119 -2.73 10.17 -8.43
C LYS A 119 -3.37 9.57 -7.17
N PRO A 120 -2.68 9.67 -6.02
CA PRO A 120 -3.19 9.18 -4.74
C PRO A 120 -4.63 9.60 -4.51
N PHE A 121 -5.50 8.64 -4.21
CA PHE A 121 -6.94 8.91 -4.14
C PHE A 121 -7.36 9.06 -2.68
N GLY A 122 -7.86 10.25 -2.35
CA GLY A 122 -8.27 10.56 -0.99
C GLY A 122 -7.15 10.36 0.02
N GLN A 123 -7.51 9.69 1.12
CA GLN A 123 -6.67 9.61 2.31
C GLN A 123 -5.93 8.28 2.47
N ILE A 124 -6.02 7.43 1.45
CA ILE A 124 -5.60 6.05 1.53
C ILE A 124 -4.12 5.92 1.82
N CYS A 125 -3.32 6.72 1.12
CA CYS A 125 -1.88 6.68 1.27
C CYS A 125 -1.41 7.15 2.65
N GLU A 126 -2.20 8.01 3.30
CA GLU A 126 -1.95 8.34 4.70
C GLU A 126 -2.23 7.14 5.60
N LEU A 127 -3.18 6.31 5.19
CA LEU A 127 -3.63 5.19 6.00
C LEU A 127 -2.68 4.00 6.01
N VAL A 128 -1.84 3.87 4.98
CA VAL A 128 -0.99 2.69 4.81
C VAL A 128 -0.02 2.46 5.99
N PRO A 129 0.66 3.51 6.46
CA PRO A 129 1.54 3.36 7.64
C PRO A 129 0.83 2.92 8.92
N TYR A 130 -0.49 3.08 9.00
CA TYR A 130 -1.27 2.65 10.16
C TYR A 130 -1.84 1.23 10.02
N CYS A 131 -1.72 0.62 8.83
CA CYS A 131 -2.30 -0.70 8.54
C CYS A 131 -1.39 -1.87 8.94
N GLU A 132 -1.96 -2.91 9.55
CA GLU A 132 -1.17 -4.13 9.80
C GLU A 132 -1.24 -5.12 8.62
N ALA A 133 -2.22 -4.92 7.74
CA ALA A 133 -2.28 -5.66 6.48
C ALA A 133 -2.70 -4.75 5.33
N VAL A 134 -2.01 -4.89 4.20
CA VAL A 134 -2.41 -4.28 2.93
C VAL A 134 -2.40 -5.31 1.81
N ASP A 135 -3.54 -5.54 1.17
CA ASP A 135 -3.63 -6.46 0.03
C ASP A 135 -4.03 -5.71 -1.23
N LYS A 136 -3.18 -5.75 -2.25
CA LYS A 136 -3.50 -5.13 -3.53
C LYS A 136 -4.01 -6.15 -4.54
N LEU A 137 -5.30 -6.02 -4.91
CA LEU A 137 -5.90 -6.92 -5.90
C LEU A 137 -5.71 -6.40 -7.33
N THR A 138 -5.79 -7.31 -8.28
CA THR A 138 -5.62 -6.96 -9.67
C THR A 138 -6.92 -7.32 -10.38
N ALA A 139 -7.17 -6.66 -11.51
CA ALA A 139 -8.26 -7.03 -12.41
C ALA A 139 -7.64 -7.63 -13.66
N VAL A 140 -8.46 -7.88 -14.67
CA VAL A 140 -7.94 -8.30 -15.98
C VAL A 140 -8.08 -7.12 -16.94
N CYS A 141 -7.06 -6.91 -17.77
CA CYS A 141 -7.00 -5.74 -18.64
C CYS A 141 -8.06 -5.77 -19.74
N MET A 142 -8.91 -4.75 -19.76
CA MET A 142 -10.07 -4.73 -20.64
C MET A 142 -9.75 -4.46 -22.10
N MET A 143 -8.51 -4.04 -22.38
CA MET A 143 -8.08 -3.77 -23.75
C MET A 143 -7.34 -4.95 -24.37
N CYS A 144 -6.24 -5.41 -23.78
CA CYS A 144 -5.52 -6.57 -24.33
C CYS A 144 -6.07 -7.91 -23.84
N HIS A 145 -6.88 -7.90 -22.78
CA HIS A 145 -7.58 -9.09 -22.31
C HIS A 145 -6.69 -10.31 -22.04
N GLU A 146 -5.39 -10.11 -21.86
CA GLU A 146 -4.47 -11.22 -21.56
C GLU A 146 -3.29 -10.75 -20.68
N GLN A 147 -3.61 -9.86 -19.75
CA GLN A 147 -2.61 -9.28 -18.86
C GLN A 147 -3.33 -8.76 -17.61
N PRO A 148 -2.73 -8.97 -16.42
CA PRO A 148 -3.33 -8.44 -15.19
C PRO A 148 -3.35 -6.91 -15.13
N ALA A 149 -4.47 -6.36 -14.72
CA ALA A 149 -4.70 -4.91 -14.70
C ALA A 149 -4.52 -4.37 -13.29
N CYS A 150 -3.76 -3.29 -13.18
CA CYS A 150 -3.50 -2.63 -11.89
C CYS A 150 -3.91 -1.15 -11.86
N PHE A 151 -4.32 -0.58 -12.99
CA PHE A 151 -4.71 0.83 -13.06
C PHE A 151 -6.13 0.98 -13.61
N THR A 152 -6.74 2.15 -13.36
CA THR A 152 -8.07 2.46 -13.88
C THR A 152 -7.96 3.58 -14.95
N ARG A 153 -8.54 3.34 -16.12
CA ARG A 153 -8.59 4.33 -17.19
C ARG A 153 -10.02 4.82 -17.26
N ARG A 154 -10.20 6.13 -17.33
CA ARG A 154 -11.51 6.72 -17.56
C ARG A 154 -11.75 6.80 -19.08
N THR A 155 -12.91 6.34 -19.53
CA THR A 155 -13.25 6.30 -20.95
C THR A 155 -13.91 7.59 -21.45
N VAL A 156 -14.70 8.23 -20.60
CA VAL A 156 -15.31 9.53 -20.93
C VAL A 156 -14.29 10.66 -20.80
N ASN A 157 -14.66 11.83 -21.31
CA ASN A 157 -13.77 12.98 -21.38
C ASN A 157 -14.15 14.03 -20.33
N VAL A 158 -13.94 13.66 -19.07
CA VAL A 158 -14.21 14.50 -17.91
C VAL A 158 -12.93 14.61 -17.08
N GLU A 159 -12.76 15.74 -16.41
CA GLU A 159 -11.55 16.01 -15.61
C GLU A 159 -11.76 15.77 -14.11
N GLN A 160 -12.95 16.11 -13.59
CA GLN A 160 -13.22 16.02 -12.15
C GLN A 160 -12.91 14.64 -11.62
N GLN A 161 -12.19 14.59 -10.53
CA GLN A 161 -11.71 13.35 -9.96
C GLN A 161 -12.84 12.42 -9.48
N GLU A 162 -13.74 12.96 -8.67
CA GLU A 162 -14.91 12.21 -8.20
C GLU A 162 -16.01 12.22 -9.29
N LEU A 163 -16.17 11.08 -9.94
CA LEU A 163 -17.21 10.88 -10.95
C LEU A 163 -17.72 9.45 -10.84
N ILE A 164 -18.74 9.25 -10.02
CA ILE A 164 -19.21 7.90 -9.66
C ILE A 164 -19.98 7.25 -10.82
N GLY A 165 -19.67 5.98 -11.05
CA GLY A 165 -20.13 5.23 -12.21
C GLY A 165 -19.37 3.93 -12.37
N GLY A 166 -19.70 3.18 -13.43
CA GLY A 166 -19.12 1.85 -13.65
C GLY A 166 -18.40 1.71 -14.97
N ALA A 167 -18.70 0.62 -15.68
CA ALA A 167 -18.06 0.29 -16.94
C ALA A 167 -18.39 1.26 -18.08
N ASP A 168 -19.45 2.05 -17.93
CA ASP A 168 -19.78 3.12 -18.87
C ASP A 168 -18.73 4.24 -18.88
N MET A 169 -18.04 4.45 -17.74
CA MET A 169 -17.08 5.55 -17.59
C MET A 169 -15.63 5.14 -17.30
N TYR A 170 -15.41 3.87 -16.93
CA TYR A 170 -14.09 3.40 -16.54
C TYR A 170 -13.78 2.02 -17.11
N ILE A 171 -12.50 1.76 -17.35
CA ILE A 171 -12.00 0.40 -17.63
C ILE A 171 -10.70 0.19 -16.87
N ALA A 172 -10.44 -1.07 -16.52
CA ALA A 172 -9.20 -1.44 -15.85
C ALA A 172 -8.19 -1.89 -16.88
N THR A 173 -6.92 -1.53 -16.69
CA THR A 173 -5.90 -1.85 -17.68
C THR A 173 -4.54 -2.21 -17.10
N CYS A 174 -3.75 -2.92 -17.90
CA CYS A 174 -2.34 -3.14 -17.60
C CYS A 174 -1.57 -1.87 -17.95
N ARG A 175 -0.25 -1.92 -17.82
CA ARG A 175 0.60 -0.74 -18.09
C ARG A 175 0.64 -0.33 -19.58
N GLU A 176 0.96 -1.28 -20.45
CA GLU A 176 0.92 -1.06 -21.90
C GLU A 176 -0.37 -0.36 -22.34
N CYS A 177 -1.51 -0.99 -22.05
CA CYS A 177 -2.82 -0.49 -22.51
C CYS A 177 -3.23 0.85 -21.89
N TYR A 178 -2.72 1.16 -20.71
CA TYR A 178 -2.99 2.44 -20.04
C TYR A 178 -2.48 3.62 -20.88
N SER A 179 -1.27 3.47 -21.42
CA SER A 179 -0.62 4.52 -22.19
C SER A 179 -1.08 4.58 -23.66
N LYS A 180 -1.77 3.54 -24.14
CA LYS A 180 -2.25 3.48 -25.54
C LYS A 180 -3.74 3.82 -25.73
N GLN A 181 -4.11 4.07 -26.99
CA GLN A 181 -5.46 4.50 -27.36
C GLN A 181 -6.40 3.34 -27.73
N GLN A 182 -7.69 3.66 -27.87
CA GLN A 182 -8.72 2.72 -28.31
C GLN A 182 -8.79 1.46 -27.43
N ARG B 4 6.04 -5.57 -21.06
CA ARG B 4 6.37 -6.61 -20.03
C ARG B 4 7.27 -6.10 -18.91
N GLY B 5 7.22 -4.79 -18.62
CA GLY B 5 7.92 -4.20 -17.46
C GLY B 5 6.91 -3.92 -16.37
N ARG B 6 7.38 -3.62 -15.17
CA ARG B 6 6.50 -3.44 -14.01
C ARG B 6 7.21 -2.85 -12.80
N ILE B 7 6.41 -2.47 -11.80
CA ILE B 7 6.91 -1.98 -10.53
C ILE B 7 6.34 -2.83 -9.41
N GLU B 8 7.23 -3.28 -8.53
CA GLU B 8 6.88 -4.09 -7.37
C GLU B 8 7.38 -3.40 -6.11
N LEU B 9 6.52 -3.28 -5.10
CA LEU B 9 6.87 -2.59 -3.86
C LEU B 9 6.81 -3.54 -2.66
N ILE B 10 7.85 -3.47 -1.83
CA ILE B 10 7.95 -4.27 -0.62
C ILE B 10 8.04 -3.33 0.58
N ILE B 11 7.04 -3.39 1.46
CA ILE B 11 6.93 -2.44 2.56
C ILE B 11 6.66 -3.16 3.89
N GLY B 12 6.73 -2.39 4.97
CA GLY B 12 6.62 -2.92 6.34
C GLY B 12 7.56 -2.16 7.25
N PRO B 13 7.55 -2.48 8.56
CA PRO B 13 8.48 -1.88 9.50
C PRO B 13 9.88 -2.45 9.34
N MET B 14 10.79 -2.00 10.20
CA MET B 14 12.16 -2.48 10.21
C MET B 14 12.17 -3.88 10.81
N PHE B 15 13.17 -4.67 10.42
CA PHE B 15 13.34 -6.05 10.89
C PHE B 15 12.20 -6.96 10.45
N ALA B 16 11.56 -6.61 9.33
CA ALA B 16 10.57 -7.48 8.69
C ALA B 16 11.22 -8.33 7.60
N GLY B 17 12.50 -8.07 7.32
CA GLY B 17 13.23 -8.80 6.29
C GLY B 17 12.95 -8.29 4.87
N LYS B 18 12.60 -7.01 4.75
CA LYS B 18 12.29 -6.42 3.46
C LYS B 18 13.47 -6.54 2.50
N THR B 19 14.67 -6.20 2.98
CA THR B 19 15.85 -6.25 2.13
C THR B 19 16.21 -7.69 1.79
N THR B 20 16.09 -8.59 2.76
CA THR B 20 16.24 -10.02 2.50
C THR B 20 15.29 -10.44 1.38
N GLU B 21 14.05 -10.00 1.47
CA GLU B 21 13.03 -10.34 0.47
C GLU B 21 13.39 -9.75 -0.89
N LEU B 22 13.77 -8.49 -0.94
CA LEU B 22 14.20 -7.89 -2.20
C LEU B 22 15.31 -8.74 -2.84
N MET B 23 16.32 -9.08 -2.03
CA MET B 23 17.45 -9.88 -2.53
C MET B 23 17.06 -11.29 -2.92
N ARG B 24 16.03 -11.84 -2.26
CA ARG B 24 15.49 -13.12 -2.69
C ARG B 24 15.04 -13.01 -4.13
N ARG B 25 14.28 -11.95 -4.42
CA ARG B 25 13.73 -11.73 -5.76
C ARG B 25 14.84 -11.52 -6.78
N VAL B 26 15.94 -10.88 -6.35
CA VAL B 26 17.12 -10.68 -7.20
C VAL B 26 17.80 -12.01 -7.49
N LYS B 27 18.27 -12.70 -6.45
CA LYS B 27 18.92 -14.01 -6.61
C LYS B 27 18.12 -14.89 -7.57
N ARG B 28 16.80 -14.81 -7.43
CA ARG B 28 15.85 -15.49 -8.31
C ARG B 28 16.07 -15.16 -9.79
N GLU B 29 16.19 -13.88 -10.10
CA GLU B 29 16.44 -13.40 -11.48
C GLU B 29 17.84 -13.76 -11.96
N ILE B 30 18.84 -13.60 -11.09
CA ILE B 30 20.23 -13.92 -11.41
C ILE B 30 20.38 -15.37 -11.88
N HIS B 31 19.69 -16.30 -11.23
CA HIS B 31 19.76 -17.72 -11.60
C HIS B 31 19.26 -17.96 -13.01
N ALA B 32 18.25 -17.19 -13.44
CA ALA B 32 17.68 -17.33 -14.77
C ALA B 32 18.41 -16.44 -15.80
N ARG B 33 19.63 -16.03 -15.46
CA ARG B 33 20.49 -15.26 -16.36
C ARG B 33 19.90 -13.90 -16.71
N ARG B 34 19.05 -13.36 -15.84
CA ARG B 34 18.51 -12.02 -16.01
C ARG B 34 19.37 -11.05 -15.20
N SER B 35 19.72 -9.93 -15.81
CA SER B 35 20.67 -8.97 -15.23
C SER B 35 19.98 -8.01 -14.28
N CYS B 36 20.46 -7.96 -13.04
CA CYS B 36 19.88 -7.10 -12.01
C CYS B 36 20.82 -6.00 -11.57
N PHE B 37 20.25 -4.81 -11.38
CA PHE B 37 21.02 -3.63 -10.97
C PHE B 37 20.48 -3.12 -9.62
N VAL B 38 21.27 -3.32 -8.58
CA VAL B 38 20.87 -3.01 -7.21
C VAL B 38 21.32 -1.61 -6.83
N ILE B 39 20.36 -0.75 -6.49
CA ILE B 39 20.65 0.63 -6.11
C ILE B 39 20.39 0.83 -4.62
N LYS B 40 21.47 0.86 -3.84
CA LYS B 40 21.38 1.14 -2.40
C LYS B 40 21.49 2.65 -2.16
N TYR B 41 21.02 3.10 -0.99
CA TYR B 41 21.05 4.53 -0.65
C TYR B 41 22.39 4.93 -0.03
N SER B 42 22.78 6.18 -0.27
CA SER B 42 24.01 6.76 0.28
C SER B 42 24.16 8.22 -0.18
N ARG B 61 25.03 -9.08 -12.01
CA ARG B 61 24.69 -8.33 -10.81
C ARG B 61 25.57 -7.11 -10.63
N ALA B 62 24.95 -5.96 -10.32
CA ALA B 62 25.67 -4.70 -10.11
C ALA B 62 25.05 -3.90 -8.95
N GLN B 63 25.90 -3.38 -8.08
CA GLN B 63 25.45 -2.71 -6.85
C GLN B 63 26.01 -1.30 -6.73
N ALA B 64 25.20 -0.31 -7.14
CA ALA B 64 25.57 1.11 -7.04
C ALA B 64 24.99 1.72 -5.76
N ALA B 65 25.64 2.77 -5.28
CA ALA B 65 25.24 3.47 -4.04
C ALA B 65 25.17 4.97 -4.27
N VAL B 66 23.99 5.58 -4.04
CA VAL B 66 23.77 6.99 -4.40
C VAL B 66 22.73 7.64 -3.48
N SER B 67 22.72 8.97 -3.50
CA SER B 67 21.76 9.77 -2.72
C SER B 67 20.56 10.22 -3.55
N GLN B 68 20.72 10.23 -4.87
CA GLN B 68 19.56 10.39 -5.76
C GLN B 68 19.70 9.54 -7.01
N LEU B 69 18.56 9.02 -7.46
CA LEU B 69 18.52 8.07 -8.57
C LEU B 69 19.09 8.67 -9.88
N THR B 70 18.99 10.01 -10.05
CA THR B 70 19.63 10.79 -11.15
C THR B 70 21.12 10.53 -11.38
N GLU B 71 21.79 10.06 -10.35
CA GLU B 71 23.22 9.83 -10.42
C GLU B 71 23.56 8.57 -11.18
N VAL B 72 22.55 7.88 -11.66
CA VAL B 72 22.74 6.57 -12.25
C VAL B 72 22.59 6.66 -13.73
N ARG B 73 22.54 7.87 -14.26
CA ARG B 73 22.58 8.04 -15.69
C ARG B 73 21.51 7.37 -16.50
N ASP B 74 21.90 6.72 -17.58
CA ASP B 74 21.07 5.75 -18.24
C ASP B 74 21.58 4.35 -18.01
N THR B 75 22.36 4.18 -16.94
CA THR B 75 22.97 2.87 -16.65
C THR B 75 21.95 1.74 -16.55
N TRP B 76 20.85 2.04 -15.88
CA TRP B 76 19.71 1.14 -15.73
C TRP B 76 19.19 0.51 -17.04
N LYS B 77 19.32 1.24 -18.13
CA LYS B 77 18.88 0.76 -19.45
C LYS B 77 19.62 -0.51 -19.86
N ARG B 78 20.86 -0.65 -19.39
CA ARG B 78 21.71 -1.78 -19.74
C ARG B 78 21.44 -3.05 -18.93
N PHE B 79 20.35 -3.08 -18.16
CA PHE B 79 19.98 -4.24 -17.33
C PHE B 79 18.51 -4.62 -17.52
N ASP B 80 18.16 -5.82 -17.08
CA ASP B 80 16.77 -6.31 -17.15
C ASP B 80 15.95 -5.88 -15.95
N VAL B 81 16.55 -5.97 -14.77
CA VAL B 81 15.86 -5.72 -13.50
C VAL B 81 16.56 -4.63 -12.72
N LEU B 82 15.77 -3.82 -12.03
CA LEU B 82 16.31 -2.79 -11.16
C LEU B 82 15.78 -3.00 -9.75
N ALA B 83 16.69 -3.15 -8.80
CA ALA B 83 16.33 -3.33 -7.40
C ALA B 83 16.71 -2.10 -6.60
N ILE B 84 15.74 -1.45 -5.98
CA ILE B 84 15.97 -0.25 -5.19
C ILE B 84 15.67 -0.50 -3.72
N ASP B 85 16.70 -0.46 -2.90
CA ASP B 85 16.60 -0.66 -1.46
C ASP B 85 16.49 0.70 -0.79
N GLU B 86 15.76 0.77 0.32
CA GLU B 86 15.54 2.04 1.04
C GLU B 86 14.86 3.08 0.14
N GLY B 87 13.97 2.62 -0.75
CA GLY B 87 13.32 3.48 -1.76
C GLY B 87 12.79 4.81 -1.25
N GLN B 88 12.42 4.81 0.02
CA GLN B 88 11.94 6.01 0.71
C GLN B 88 12.85 7.25 0.62
N PHE B 89 14.17 7.07 0.62
CA PHE B 89 15.10 8.21 0.68
C PHE B 89 15.32 8.91 -0.67
N PHE B 90 14.73 8.40 -1.75
CA PHE B 90 14.92 8.96 -3.09
C PHE B 90 13.75 9.83 -3.51
N SER B 91 14.02 11.11 -3.80
CA SER B 91 12.94 12.07 -4.10
C SER B 91 12.32 11.89 -5.48
N ASP B 92 13.06 11.30 -6.40
CA ASP B 92 12.59 11.12 -7.79
C ASP B 92 12.18 9.66 -8.06
N LEU B 93 11.75 8.98 -7.00
CA LEU B 93 11.48 7.55 -7.05
C LEU B 93 10.39 7.19 -8.06
N VAL B 94 9.35 8.01 -8.13
CA VAL B 94 8.16 7.70 -8.92
C VAL B 94 8.46 7.74 -10.42
N ASP B 95 9.02 8.86 -10.87
CA ASP B 95 9.30 9.09 -12.30
C ASP B 95 10.40 8.16 -12.80
N PHE B 96 11.42 7.95 -11.96
CA PHE B 96 12.49 7.02 -12.30
C PHE B 96 11.93 5.63 -12.52
N CYS B 97 11.16 5.14 -11.55
CA CYS B 97 10.56 3.82 -11.63
C CYS B 97 9.63 3.71 -12.84
N ASN B 98 8.74 4.67 -13.00
CA ASN B 98 7.81 4.66 -14.12
C ASN B 98 8.50 4.67 -15.48
N THR B 99 9.59 5.44 -15.59
CA THR B 99 10.38 5.46 -16.82
C THR B 99 10.95 4.07 -17.08
N ALA B 100 11.56 3.49 -16.05
CA ALA B 100 12.10 2.14 -16.13
C ALA B 100 11.03 1.11 -16.46
N ALA B 101 9.90 1.18 -15.77
CA ALA B 101 8.78 0.26 -16.02
C ALA B 101 8.30 0.32 -17.47
N ASP B 102 8.12 1.55 -17.97
CA ASP B 102 7.62 1.78 -19.34
C ASP B 102 8.66 1.44 -20.42
N ALA B 103 9.93 1.38 -20.03
CA ALA B 103 10.98 0.87 -20.92
C ALA B 103 11.05 -0.67 -20.93
N GLY B 104 10.16 -1.32 -20.18
CA GLY B 104 10.11 -2.79 -20.13
C GLY B 104 11.01 -3.42 -19.08
N LYS B 105 11.35 -2.64 -18.05
CA LYS B 105 12.15 -3.15 -16.93
C LYS B 105 11.26 -3.68 -15.81
N VAL B 106 11.78 -4.64 -15.05
CA VAL B 106 11.17 -5.07 -13.80
C VAL B 106 11.80 -4.24 -12.69
N VAL B 107 11.02 -3.32 -12.13
CA VAL B 107 11.50 -2.46 -11.05
C VAL B 107 11.00 -3.02 -9.72
N MET B 108 11.92 -3.18 -8.77
CA MET B 108 11.59 -3.72 -7.45
C MET B 108 12.10 -2.77 -6.37
N VAL B 109 11.19 -2.33 -5.50
CA VAL B 109 11.53 -1.35 -4.45
C VAL B 109 11.25 -1.95 -3.08
N SER B 110 12.24 -1.87 -2.18
CA SER B 110 12.01 -2.19 -0.78
C SER B 110 12.12 -0.91 0.01
N ALA B 111 11.16 -0.68 0.90
CA ALA B 111 11.09 0.60 1.58
C ALA B 111 10.13 0.62 2.77
N LEU B 112 10.41 1.49 3.72
CA LEU B 112 9.50 1.76 4.82
C LEU B 112 8.33 2.58 4.29
N ASP B 113 7.12 2.10 4.57
CA ASP B 113 5.91 2.84 4.24
C ASP B 113 5.71 4.02 5.19
N GLY B 114 6.06 3.83 6.47
CA GLY B 114 5.96 4.90 7.48
C GLY B 114 7.26 5.21 8.19
N ASP B 115 7.36 6.41 8.77
CA ASP B 115 8.48 6.77 9.64
C ASP B 115 8.24 6.29 11.07
N TYR B 116 9.14 6.64 11.98
CA TYR B 116 8.97 6.35 13.40
C TYR B 116 7.70 6.97 14.01
N ARG B 117 7.14 7.98 13.35
CA ARG B 117 5.87 8.60 13.76
C ARG B 117 4.65 8.04 12.99
N ARG B 118 4.88 7.06 12.12
CA ARG B 118 3.84 6.51 11.22
C ARG B 118 3.29 7.57 10.23
N LYS B 119 4.13 8.54 9.89
CA LYS B 119 3.85 9.46 8.80
C LYS B 119 4.43 8.86 7.51
N PRO B 120 3.74 9.06 6.38
CA PRO B 120 4.22 8.59 5.07
C PRO B 120 5.68 8.93 4.85
N PHE B 121 6.49 7.95 4.50
CA PHE B 121 7.94 8.13 4.41
C PHE B 121 8.38 8.33 2.96
N GLY B 122 8.95 9.49 2.69
CA GLY B 122 9.41 9.83 1.35
C GLY B 122 8.29 9.77 0.32
N GLN B 123 8.60 9.12 -0.80
CA GLN B 123 7.78 9.17 -2.00
C GLN B 123 6.94 7.90 -2.20
N ILE B 124 6.98 7.00 -1.23
CA ILE B 124 6.46 5.65 -1.37
C ILE B 124 4.97 5.67 -1.67
N CYS B 125 4.25 6.48 -0.92
CA CYS B 125 2.80 6.53 -1.06
C CYS B 125 2.34 7.12 -2.39
N GLU B 126 3.16 7.96 -3.01
CA GLU B 126 2.91 8.39 -4.39
C GLU B 126 3.16 7.22 -5.37
N LEU B 127 4.06 6.30 -5.00
CA LEU B 127 4.42 5.17 -5.86
C LEU B 127 3.39 4.05 -5.91
N VAL B 128 2.55 3.93 -4.87
CA VAL B 128 1.60 2.82 -4.75
C VAL B 128 0.63 2.69 -5.93
N PRO B 129 -0.01 3.80 -6.35
CA PRO B 129 -0.88 3.77 -7.53
C PRO B 129 -0.22 3.36 -8.85
N TYR B 130 1.11 3.43 -8.93
CA TYR B 130 1.85 3.00 -10.11
C TYR B 130 2.33 1.54 -10.05
N CYS B 131 2.15 0.89 -8.90
CA CYS B 131 2.65 -0.48 -8.68
C CYS B 131 1.68 -1.55 -9.13
N GLU B 132 2.17 -2.60 -9.80
CA GLU B 132 1.31 -3.75 -10.10
C GLU B 132 1.30 -4.77 -8.96
N ALA B 133 2.29 -4.70 -8.07
CA ALA B 133 2.30 -5.51 -6.85
C ALA B 133 2.78 -4.70 -5.66
N VAL B 134 2.09 -4.85 -4.53
CA VAL B 134 2.52 -4.32 -3.23
C VAL B 134 2.41 -5.39 -2.13
N ASP B 135 3.54 -5.73 -1.52
CA ASP B 135 3.58 -6.71 -0.44
C ASP B 135 4.05 -6.04 0.86
N LYS B 136 3.21 -6.08 1.89
CA LYS B 136 3.59 -5.57 3.21
C LYS B 136 4.02 -6.70 4.15
N LEU B 137 5.29 -6.69 4.52
CA LEU B 137 5.83 -7.67 5.45
C LEU B 137 5.69 -7.22 6.90
N THR B 138 5.74 -8.19 7.81
CA THR B 138 5.63 -7.93 9.24
C THR B 138 6.90 -8.37 9.91
N ALA B 139 7.17 -7.81 11.08
CA ALA B 139 8.22 -8.30 11.96
C ALA B 139 7.55 -8.95 13.18
N VAL B 140 8.34 -9.32 14.19
CA VAL B 140 7.79 -9.76 15.47
C VAL B 140 7.99 -8.66 16.49
N CYS B 141 6.97 -8.43 17.33
CA CYS B 141 6.98 -7.32 18.29
C CYS B 141 8.00 -7.51 19.41
N MET B 142 8.93 -6.57 19.50
CA MET B 142 10.07 -6.72 20.41
C MET B 142 9.72 -6.52 21.89
N MET B 143 8.53 -5.99 22.17
CA MET B 143 8.08 -5.76 23.54
C MET B 143 7.25 -6.92 24.08
N CYS B 144 6.12 -7.23 23.45
CA CYS B 144 5.30 -8.37 23.93
C CYS B 144 5.76 -9.72 23.37
N HIS B 145 6.59 -9.70 22.32
CA HIS B 145 7.21 -10.92 21.79
C HIS B 145 6.24 -12.06 21.44
N GLU B 146 4.95 -11.74 21.27
CA GLU B 146 3.94 -12.74 20.93
C GLU B 146 2.84 -12.14 20.03
N GLN B 147 3.26 -11.23 19.14
CA GLN B 147 2.34 -10.52 18.26
C GLN B 147 3.11 -9.98 17.06
N PRO B 148 2.52 -10.07 15.85
CA PRO B 148 3.19 -9.53 14.67
C PRO B 148 3.31 -7.99 14.72
N ALA B 149 4.48 -7.49 14.34
CA ALA B 149 4.80 -6.07 14.38
C ALA B 149 4.68 -5.44 13.00
N CYS B 150 3.99 -4.29 12.96
CA CYS B 150 3.78 -3.56 11.71
C CYS B 150 4.29 -2.11 11.75
N PHE B 151 4.75 -1.63 12.92
CA PHE B 151 5.22 -0.26 13.07
C PHE B 151 6.63 -0.25 13.63
N THR B 152 7.29 0.89 13.47
CA THR B 152 8.61 1.10 14.08
C THR B 152 8.57 2.19 15.13
N ARG B 153 9.12 1.90 16.30
CA ARG B 153 9.31 2.88 17.34
C ARG B 153 10.78 3.28 17.35
N ARG B 154 11.05 4.57 17.44
CA ARG B 154 12.40 5.09 17.63
C ARG B 154 12.67 5.12 19.13
N THR B 155 13.81 4.58 19.55
CA THR B 155 14.18 4.48 20.97
C THR B 155 14.92 5.73 21.48
N VAL B 156 15.74 6.34 20.62
CA VAL B 156 16.44 7.59 20.97
C VAL B 156 15.49 8.79 20.87
N ASN B 157 15.94 9.94 21.37
CA ASN B 157 15.07 11.13 21.47
C ASN B 157 15.11 12.12 20.29
N VAL B 158 15.54 11.69 19.12
CA VAL B 158 15.69 12.60 17.99
C VAL B 158 14.37 12.85 17.28
N GLU B 159 14.27 14.02 16.63
CA GLU B 159 13.06 14.44 15.93
C GLU B 159 13.15 14.24 14.42
N GLN B 160 14.30 14.56 13.84
CA GLN B 160 14.50 14.50 12.39
C GLN B 160 14.11 13.12 11.86
N GLN B 161 13.30 13.11 10.80
CA GLN B 161 12.77 11.85 10.27
C GLN B 161 13.89 10.95 9.72
N GLU B 162 14.79 11.50 8.90
CA GLU B 162 15.95 10.77 8.41
C GLU B 162 17.06 10.65 9.47
N LEU B 163 17.18 9.45 10.04
CA LEU B 163 18.23 9.12 11.00
C LEU B 163 18.62 7.66 10.83
N ILE B 164 19.62 7.42 9.97
CA ILE B 164 20.00 6.07 9.58
C ILE B 164 20.71 5.32 10.71
N GLY B 165 20.34 4.05 10.88
CA GLY B 165 20.80 3.24 12.02
C GLY B 165 19.97 1.98 12.17
N GLY B 166 20.26 1.18 13.19
CA GLY B 166 19.61 -0.12 13.38
C GLY B 166 18.90 -0.26 14.73
N ALA B 167 19.16 -1.39 15.39
CA ALA B 167 18.51 -1.71 16.66
C ALA B 167 18.92 -0.78 17.82
N ASP B 168 20.02 -0.05 17.66
CA ASP B 168 20.43 0.97 18.62
C ASP B 168 19.44 2.14 18.69
N MET B 169 18.76 2.41 17.58
CA MET B 169 17.87 3.56 17.48
C MET B 169 16.40 3.24 17.22
N TYR B 170 16.09 2.02 16.80
CA TYR B 170 14.73 1.63 16.42
C TYR B 170 14.34 0.25 16.94
N ILE B 171 13.04 0.05 17.19
CA ILE B 171 12.49 -1.26 17.50
C ILE B 171 11.12 -1.42 16.84
N ALA B 172 10.80 -2.65 16.41
CA ALA B 172 9.53 -2.95 15.74
C ALA B 172 8.48 -3.44 16.74
N THR B 173 7.24 -2.98 16.59
CA THR B 173 6.19 -3.30 17.56
C THR B 173 4.83 -3.52 16.94
N CYS B 174 3.97 -4.21 17.68
CA CYS B 174 2.54 -4.29 17.38
C CYS B 174 1.87 -2.99 17.81
N ARG B 175 0.55 -2.92 17.66
CA ARG B 175 -0.21 -1.72 17.96
C ARG B 175 -0.26 -1.40 19.45
N GLU B 176 -0.66 -2.38 20.26
CA GLU B 176 -0.64 -2.27 21.73
C GLU B 176 0.69 -1.71 22.25
N CYS B 177 1.79 -2.39 21.94
CA CYS B 177 3.12 -2.00 22.44
C CYS B 177 3.63 -0.66 21.91
N TYR B 178 3.18 -0.24 20.73
CA TYR B 178 3.56 1.06 20.17
C TYR B 178 3.10 2.20 21.09
N SER B 179 1.87 2.09 21.61
CA SER B 179 1.29 3.11 22.48
C SER B 179 1.65 2.96 23.97
N LYS B 180 2.06 1.77 24.39
CA LYS B 180 2.36 1.51 25.80
C LYS B 180 3.79 1.92 26.14
N GLN B 181 4.00 2.32 27.39
CA GLN B 181 5.33 2.63 27.91
C GLN B 181 5.91 1.43 28.65
P PO4 C . -14.46 -3.49 -7.32
O1 PO4 C . -14.58 -2.54 -8.49
O2 PO4 C . -15.30 -3.02 -6.14
O3 PO4 C . -12.98 -3.51 -7.00
O4 PO4 C . -15.00 -4.86 -7.69
O5' THM D . -16.24 2.15 -6.47
C5' THM D . -15.73 2.79 -7.64
C4' THM D . -16.23 4.23 -7.74
O4' THM D . -15.12 5.13 -7.78
C3' THM D . -17.03 4.47 -9.03
O3' THM D . -18.36 4.90 -8.75
C2' THM D . -16.27 5.54 -9.80
C1' THM D . -15.41 6.17 -8.72
N1 THM D . -14.17 6.74 -9.26
C2 THM D . -14.03 8.15 -9.31
O2 THM D . -14.97 8.88 -8.91
N3 THM D . -12.89 8.70 -9.78
C4 THM D . -11.88 7.95 -10.22
O4 THM D . -10.82 8.45 -10.66
C5 THM D . -12.01 6.47 -10.17
C5M THM D . -10.87 5.60 -10.65
C6 THM D . -13.19 5.94 -9.68
ZN ZN E . -3.36 -4.66 -21.37
P PO4 F . 14.53 -5.07 7.02
O1 PO4 F . 15.36 -4.03 6.29
O2 PO4 F . 14.57 -4.77 8.49
O3 PO4 F . 15.11 -6.45 6.77
O4 PO4 F . 13.10 -5.04 6.54
O5' THM G . 16.12 0.46 6.59
C5' THM G . 15.52 1.68 7.03
C4' THM G . 16.58 2.75 7.26
O4' THM G . 15.92 4.01 7.38
C3' THM G . 17.38 2.54 8.54
O3' THM G . 18.78 2.74 8.29
C2' THM G . 16.87 3.59 9.52
C1' THM G . 16.19 4.64 8.64
N1 THM G . 14.94 5.22 9.18
C2 THM G . 14.71 6.62 9.02
O2 THM G . 15.56 7.34 8.44
N3 THM G . 13.60 7.20 9.49
C4 THM G . 12.64 6.49 10.11
O4 THM G . 11.63 7.08 10.52
C5 THM G . 12.83 5.03 10.29
C5M THM G . 11.80 4.19 10.98
C6 THM G . 14.01 4.46 9.79
ZN ZN H . 3.38 -6.19 21.09
#